data_1KZ2
#
_entry.id   1KZ2
#
_entity_poly.entity_id   1
_entity_poly.type   'polypeptide(L)'
_entity_poly.pdbx_seq_one_letter_code
;RQIKIFFQNRRMKFKK
;
_entity_poly.pdbx_strand_id   A
#
# COMPACT_ATOMS: atom_id res chain seq x y z
N ARG A 1 2.46 -7.07 6.83
CA ARG A 1 3.41 -6.30 7.68
C ARG A 1 4.32 -5.41 6.82
N GLN A 2 4.67 -5.86 5.64
CA GLN A 2 5.55 -5.06 4.78
C GLN A 2 5.24 -5.33 3.30
N ILE A 3 5.36 -6.56 2.87
CA ILE A 3 5.09 -6.88 1.45
C ILE A 3 3.90 -6.08 0.94
N LYS A 4 2.86 -6.03 1.71
CA LYS A 4 1.69 -5.23 1.29
C LYS A 4 2.04 -3.77 1.45
N ILE A 5 2.73 -3.45 2.48
CA ILE A 5 3.16 -2.04 2.70
C ILE A 5 3.88 -1.55 1.46
N PHE A 6 4.49 -2.47 0.76
CA PHE A 6 5.17 -2.09 -0.50
C PHE A 6 4.11 -1.88 -1.57
N PHE A 7 3.05 -2.63 -1.48
CA PHE A 7 1.92 -2.48 -2.45
C PHE A 7 0.92 -1.49 -1.87
N GLN A 8 0.48 -1.71 -0.66
CA GLN A 8 -0.48 -0.78 -0.01
C GLN A 8 -0.02 0.66 -0.27
N ASN A 9 1.26 0.86 -0.34
CA ASN A 9 1.80 2.21 -0.65
C ASN A 9 1.29 2.65 -2.03
N ARG A 10 0.65 1.75 -2.73
CA ARG A 10 0.12 2.07 -4.08
C ARG A 10 -1.35 1.61 -4.20
N ARG A 11 -1.89 1.06 -3.13
CA ARG A 11 -3.29 0.57 -3.17
C ARG A 11 -4.12 1.42 -2.24
N MET A 12 -3.65 1.55 -1.03
CA MET A 12 -4.40 2.40 -0.05
C MET A 12 -4.00 3.85 -0.23
N LYS A 13 -2.75 4.08 -0.55
CA LYS A 13 -2.31 5.47 -0.80
C LYS A 13 -2.89 5.91 -2.14
N PHE A 14 -3.37 4.93 -2.88
CA PHE A 14 -3.97 5.19 -4.20
C PHE A 14 -5.38 5.75 -4.01
N LYS A 15 -5.90 5.60 -2.81
CA LYS A 15 -7.27 6.12 -2.54
C LYS A 15 -7.30 6.74 -1.15
N LYS A 16 -6.15 6.86 -0.53
CA LYS A 16 -6.09 7.44 0.83
C LYS A 16 -6.75 8.82 0.87
N ARG A 1 3.01 -8.74 6.25
CA ARG A 1 3.49 -7.80 7.30
C ARG A 1 4.06 -6.52 6.67
N GLN A 2 4.80 -6.65 5.61
CA GLN A 2 5.39 -5.47 4.95
C GLN A 2 5.22 -5.55 3.44
N ILE A 3 5.42 -6.70 2.86
CA ILE A 3 5.26 -6.81 1.38
C ILE A 3 4.08 -5.95 0.93
N LYS A 4 3.02 -5.97 1.68
CA LYS A 4 1.84 -5.13 1.34
C LYS A 4 2.20 -3.68 1.50
N ILE A 5 3.01 -3.36 2.46
CA ILE A 5 3.43 -1.95 2.66
C ILE A 5 3.94 -1.43 1.33
N PHE A 6 4.50 -2.32 0.55
CA PHE A 6 5.00 -1.93 -0.80
C PHE A 6 3.81 -1.76 -1.73
N PHE A 7 2.80 -2.59 -1.55
CA PHE A 7 1.58 -2.49 -2.39
C PHE A 7 0.61 -1.51 -1.72
N GLN A 8 0.47 -1.59 -0.43
CA GLN A 8 -0.42 -0.65 0.29
C GLN A 8 0.00 0.77 -0.06
N ASN A 9 1.28 0.99 -0.15
CA ASN A 9 1.77 2.34 -0.54
C ASN A 9 1.24 2.69 -1.92
N ARG A 10 0.67 1.74 -2.60
CA ARG A 10 0.12 1.99 -3.96
C ARG A 10 -1.30 1.42 -4.09
N ARG A 11 -1.89 0.98 -3.02
CA ARG A 11 -3.26 0.42 -3.12
C ARG A 11 -4.18 1.22 -2.21
N MET A 12 -3.69 1.62 -1.08
CA MET A 12 -4.52 2.44 -0.16
C MET A 12 -4.11 3.89 -0.32
N LYS A 13 -2.84 4.13 -0.57
CA LYS A 13 -2.38 5.51 -0.82
C LYS A 13 -2.90 5.91 -2.19
N PHE A 14 -3.34 4.92 -2.93
CA PHE A 14 -3.90 5.15 -4.29
C PHE A 14 -5.29 5.75 -4.15
N LYS A 15 -5.86 5.64 -2.98
CA LYS A 15 -7.22 6.20 -2.76
C LYS A 15 -7.29 6.86 -1.38
N LYS A 16 -6.16 6.98 -0.73
CA LYS A 16 -6.13 7.58 0.62
C LYS A 16 -6.71 8.99 0.59
N ARG A 1 2.80 -7.01 6.81
CA ARG A 1 3.96 -6.44 7.56
C ARG A 1 4.79 -5.53 6.65
N GLN A 2 5.04 -5.95 5.44
CA GLN A 2 5.85 -5.11 4.52
C GLN A 2 5.42 -5.32 3.06
N ILE A 3 5.52 -6.53 2.58
CA ILE A 3 5.13 -6.80 1.17
C ILE A 3 3.90 -5.99 0.80
N LYS A 4 2.90 -6.01 1.65
CA LYS A 4 1.70 -5.21 1.38
C LYS A 4 2.05 -3.74 1.56
N ILE A 5 2.84 -3.45 2.54
CA ILE A 5 3.27 -2.05 2.77
C ILE A 5 3.86 -1.53 1.47
N PHE A 6 4.40 -2.43 0.70
CA PHE A 6 4.96 -2.02 -0.62
C PHE A 6 3.80 -1.83 -1.59
N PHE A 7 2.78 -2.63 -1.46
CA PHE A 7 1.58 -2.51 -2.32
C PHE A 7 0.58 -1.54 -1.67
N GLN A 8 0.40 -1.67 -0.38
CA GLN A 8 -0.51 -0.74 0.33
C GLN A 8 -0.07 0.68 0.03
N ASN A 9 1.20 0.90 -0.02
CA ASN A 9 1.72 2.26 -0.36
C ASN A 9 1.23 2.66 -1.75
N ARG A 10 0.67 1.71 -2.47
CA ARG A 10 0.18 2.00 -3.84
C ARG A 10 -1.24 1.45 -4.03
N ARG A 11 -1.86 0.96 -2.98
CA ARG A 11 -3.23 0.41 -3.15
C ARG A 11 -4.19 1.21 -2.27
N MET A 12 -3.72 1.60 -1.13
CA MET A 12 -4.59 2.41 -0.21
C MET A 12 -4.15 3.86 -0.33
N LYS A 13 -2.88 4.08 -0.53
CA LYS A 13 -2.38 5.46 -0.73
C LYS A 13 -2.83 5.89 -2.14
N PHE A 14 -3.24 4.92 -2.91
CA PHE A 14 -3.72 5.17 -4.29
C PHE A 14 -5.12 5.78 -4.21
N LYS A 15 -5.76 5.66 -3.08
CA LYS A 15 -7.12 6.24 -2.92
C LYS A 15 -7.25 6.87 -1.53
N LYS A 16 -6.16 6.96 -0.82
CA LYS A 16 -6.19 7.53 0.54
C LYS A 16 -6.78 8.95 0.52
N ARG A 1 3.17 -7.58 6.67
CA ARG A 1 3.86 -6.56 7.50
C ARG A 1 4.71 -5.63 6.63
N GLN A 2 4.99 -6.02 5.42
CA GLN A 2 5.81 -5.16 4.53
C GLN A 2 5.43 -5.36 3.07
N ILE A 3 5.47 -6.58 2.59
CA ILE A 3 5.14 -6.83 1.18
C ILE A 3 3.87 -6.04 0.81
N LYS A 4 2.90 -6.02 1.68
CA LYS A 4 1.69 -5.21 1.41
C LYS A 4 2.06 -3.75 1.57
N ILE A 5 2.83 -3.45 2.56
CA ILE A 5 3.26 -2.06 2.80
C ILE A 5 3.87 -1.52 1.51
N PHE A 6 4.40 -2.41 0.74
CA PHE A 6 4.98 -2.00 -0.57
C PHE A 6 3.83 -1.81 -1.55
N PHE A 7 2.81 -2.63 -1.44
CA PHE A 7 1.62 -2.50 -2.32
C PHE A 7 0.63 -1.53 -1.68
N GLN A 8 0.43 -1.65 -0.40
CA GLN A 8 -0.49 -0.72 0.30
C GLN A 8 -0.06 0.70 -0.01
N ASN A 9 1.22 0.93 -0.07
CA ASN A 9 1.74 2.28 -0.41
C ASN A 9 1.25 2.66 -1.81
N ARG A 10 0.70 1.71 -2.52
CA ARG A 10 0.20 1.98 -3.89
C ARG A 10 -1.22 1.43 -4.07
N ARG A 11 -1.85 0.98 -3.01
CA ARG A 11 -3.21 0.43 -3.15
C ARG A 11 -4.17 1.22 -2.27
N MET A 12 -3.69 1.61 -1.12
CA MET A 12 -4.55 2.42 -0.20
C MET A 12 -4.13 3.87 -0.34
N LYS A 13 -2.86 4.10 -0.56
CA LYS A 13 -2.38 5.48 -0.78
C LYS A 13 -2.87 5.91 -2.17
N PHE A 14 -3.29 4.93 -2.93
CA PHE A 14 -3.81 5.18 -4.30
C PHE A 14 -5.21 5.77 -4.19
N LYS A 15 -5.81 5.65 -3.04
CA LYS A 15 -7.17 6.21 -2.85
C LYS A 15 -7.28 6.85 -1.46
N LYS A 16 -6.17 6.96 -0.78
CA LYS A 16 -6.18 7.54 0.58
C LYS A 16 -6.76 8.96 0.56
N ARG A 1 2.19 -7.40 8.28
CA ARG A 1 3.35 -7.72 7.40
C ARG A 1 3.92 -6.44 6.78
N GLN A 2 4.69 -6.58 5.73
CA GLN A 2 5.28 -5.37 5.08
C GLN A 2 5.19 -5.49 3.57
N ILE A 3 5.43 -6.65 3.02
CA ILE A 3 5.35 -6.80 1.53
C ILE A 3 4.18 -5.97 1.00
N LYS A 4 3.08 -5.99 1.69
CA LYS A 4 1.91 -5.19 1.27
C LYS A 4 2.23 -3.72 1.43
N ILE A 5 2.98 -3.38 2.42
CA ILE A 5 3.37 -1.96 2.61
C ILE A 5 3.93 -1.45 1.31
N PHE A 6 4.54 -2.33 0.57
CA PHE A 6 5.10 -1.95 -0.76
C PHE A 6 3.94 -1.79 -1.73
N PHE A 7 2.94 -2.61 -1.60
CA PHE A 7 1.75 -2.52 -2.49
C PHE A 7 0.75 -1.55 -1.85
N GLN A 8 0.50 -1.70 -0.58
CA GLN A 8 -0.44 -0.78 0.12
C GLN A 8 -0.03 0.65 -0.18
N ASN A 9 1.25 0.89 -0.27
CA ASN A 9 1.73 2.26 -0.61
C ASN A 9 1.18 2.65 -1.98
N ARG A 10 0.58 1.71 -2.68
CA ARG A 10 0.03 2.00 -4.02
C ARG A 10 -1.40 1.49 -4.14
N ARG A 11 -1.98 0.99 -3.06
CA ARG A 11 -3.35 0.47 -3.15
C ARG A 11 -4.25 1.27 -2.21
N MET A 12 -3.74 1.65 -1.09
CA MET A 12 -4.53 2.46 -0.14
C MET A 12 -4.10 3.91 -0.27
N LYS A 13 -2.84 4.12 -0.55
CA LYS A 13 -2.36 5.50 -0.77
C LYS A 13 -2.89 5.93 -2.14
N PHE A 14 -3.34 4.97 -2.89
CA PHE A 14 -3.91 5.22 -4.23
C PHE A 14 -5.30 5.83 -4.08
N LYS A 15 -5.87 5.71 -2.90
CA LYS A 15 -7.21 6.30 -2.67
C LYS A 15 -7.26 6.93 -1.27
N LYS A 16 -6.13 7.00 -0.61
CA LYS A 16 -6.07 7.57 0.74
C LYS A 16 -6.66 9.00 0.76
N ARG A 1 1.96 -6.72 6.66
CA ARG A 1 3.01 -6.19 7.59
C ARG A 1 3.99 -5.29 6.83
N GLN A 2 4.45 -5.74 5.68
CA GLN A 2 5.41 -4.92 4.91
C GLN A 2 5.26 -5.19 3.41
N ILE A 3 5.38 -6.43 3.00
CA ILE A 3 5.25 -6.74 1.55
C ILE A 3 4.00 -6.02 1.01
N LYS A 4 2.94 -6.01 1.77
CA LYS A 4 1.73 -5.28 1.34
C LYS A 4 2.04 -3.80 1.42
N ILE A 5 2.71 -3.40 2.45
CA ILE A 5 3.08 -1.99 2.62
C ILE A 5 3.82 -1.54 1.36
N PHE A 6 4.45 -2.47 0.72
CA PHE A 6 5.16 -2.15 -0.55
C PHE A 6 4.10 -1.93 -1.62
N PHE A 7 3.03 -2.69 -1.55
CA PHE A 7 1.92 -2.55 -2.52
C PHE A 7 0.90 -1.57 -1.96
N GLN A 8 0.44 -1.79 -0.76
CA GLN A 8 -0.53 -0.86 -0.12
C GLN A 8 -0.06 0.58 -0.35
N ASN A 9 1.23 0.76 -0.40
CA ASN A 9 1.78 2.12 -0.68
C ASN A 9 1.28 2.60 -2.05
N ARG A 10 0.66 1.71 -2.79
CA ARG A 10 0.14 2.06 -4.14
C ARG A 10 -1.32 1.63 -4.27
N ARG A 11 -1.89 1.07 -3.23
CA ARG A 11 -3.29 0.59 -3.29
C ARG A 11 -4.11 1.41 -2.33
N MET A 12 -3.65 1.51 -1.12
CA MET A 12 -4.42 2.32 -0.12
C MET A 12 -3.99 3.77 -0.23
N LYS A 13 -2.74 4.01 -0.50
CA LYS A 13 -2.28 5.41 -0.70
C LYS A 13 -2.86 5.89 -2.02
N PHE A 14 -3.34 4.96 -2.80
CA PHE A 14 -3.95 5.28 -4.11
C PHE A 14 -5.35 5.85 -3.88
N LYS A 15 -5.87 5.66 -2.69
CA LYS A 15 -7.23 6.20 -2.38
C LYS A 15 -7.23 6.75 -0.96
N LYS A 16 -6.09 6.82 -0.34
CA LYS A 16 -5.99 7.33 1.04
C LYS A 16 -6.59 8.74 1.15
N ARG A 1 1.36 -7.47 7.14
CA ARG A 1 2.82 -7.41 7.49
C ARG A 1 3.48 -6.22 6.78
N GLN A 2 4.43 -6.44 5.91
CA GLN A 2 5.08 -5.29 5.22
C GLN A 2 5.04 -5.46 3.71
N ILE A 3 5.39 -6.61 3.19
CA ILE A 3 5.38 -6.79 1.71
C ILE A 3 4.23 -5.99 1.09
N LYS A 4 3.09 -6.04 1.71
CA LYS A 4 1.94 -5.26 1.17
C LYS A 4 2.22 -3.78 1.32
N ILE A 5 2.92 -3.40 2.34
CA ILE A 5 3.26 -1.98 2.53
C ILE A 5 3.89 -1.48 1.24
N PHE A 6 4.58 -2.36 0.58
CA PHE A 6 5.20 -1.98 -0.72
C PHE A 6 4.08 -1.78 -1.74
N PHE A 7 3.08 -2.62 -1.65
CA PHE A 7 1.90 -2.50 -2.57
C PHE A 7 0.90 -1.53 -1.97
N GLN A 8 0.49 -1.75 -0.75
CA GLN A 8 -0.46 -0.82 -0.08
C GLN A 8 -0.04 0.62 -0.36
N ASN A 9 1.24 0.84 -0.45
CA ASN A 9 1.75 2.21 -0.77
C ASN A 9 1.17 2.65 -2.11
N ARG A 10 0.56 1.74 -2.82
CA ARG A 10 -0.03 2.06 -4.15
C ARG A 10 -1.50 1.60 -4.20
N ARG A 11 -2.00 1.06 -3.13
CA ARG A 11 -3.41 0.57 -3.10
C ARG A 11 -4.19 1.40 -2.12
N MET A 12 -3.64 1.58 -0.95
CA MET A 12 -4.34 2.40 0.08
C MET A 12 -3.94 3.85 -0.10
N LYS A 13 -2.73 4.09 -0.51
CA LYS A 13 -2.29 5.48 -0.77
C LYS A 13 -2.85 5.90 -2.12
N PHE A 14 -3.41 4.95 -2.82
CA PHE A 14 -3.99 5.23 -4.15
C PHE A 14 -5.37 5.86 -3.99
N LYS A 15 -5.95 5.69 -2.84
CA LYS A 15 -7.30 6.27 -2.60
C LYS A 15 -7.35 6.86 -1.19
N LYS A 16 -6.21 6.94 -0.56
CA LYS A 16 -6.14 7.48 0.81
C LYS A 16 -6.80 8.86 0.88
N ARG A 1 2.85 -8.68 6.17
CA ARG A 1 3.15 -7.67 7.22
C ARG A 1 3.87 -6.45 6.62
N GLN A 2 4.60 -6.65 5.55
CA GLN A 2 5.33 -5.52 4.93
C GLN A 2 5.22 -5.58 3.40
N ILE A 3 5.25 -6.75 2.83
CA ILE A 3 5.14 -6.84 1.36
C ILE A 3 3.99 -5.94 0.91
N LYS A 4 2.96 -5.87 1.71
CA LYS A 4 1.82 -5.00 1.40
C LYS A 4 2.23 -3.55 1.55
N ILE A 5 3.06 -3.27 2.50
CA ILE A 5 3.54 -1.88 2.67
C ILE A 5 4.03 -1.37 1.33
N PHE A 6 4.55 -2.28 0.55
CA PHE A 6 5.03 -1.89 -0.80
C PHE A 6 3.82 -1.74 -1.72
N PHE A 7 2.84 -2.60 -1.56
CA PHE A 7 1.60 -2.51 -2.40
C PHE A 7 0.64 -1.52 -1.75
N GLN A 8 0.51 -1.61 -0.45
CA GLN A 8 -0.38 -0.67 0.27
C GLN A 8 0.03 0.75 -0.07
N ASN A 9 1.30 0.99 -0.17
CA ASN A 9 1.79 2.34 -0.56
C ASN A 9 1.25 2.69 -1.95
N ARG A 10 0.69 1.72 -2.63
CA ARG A 10 0.15 1.96 -4.00
C ARG A 10 -1.26 1.39 -4.12
N ARG A 11 -1.87 0.98 -3.04
CA ARG A 11 -3.23 0.41 -3.12
C ARG A 11 -4.16 1.19 -2.20
N MET A 12 -3.66 1.59 -1.08
CA MET A 12 -4.49 2.40 -0.14
C MET A 12 -4.09 3.85 -0.29
N LYS A 13 -2.83 4.09 -0.57
CA LYS A 13 -2.39 5.48 -0.80
C LYS A 13 -2.91 5.89 -2.18
N PHE A 14 -3.35 4.91 -2.92
CA PHE A 14 -3.92 5.16 -4.27
C PHE A 14 -5.33 5.74 -4.13
N LYS A 15 -5.88 5.62 -2.95
CA LYS A 15 -7.24 6.17 -2.71
C LYS A 15 -7.30 6.81 -1.33
N LYS A 16 -6.18 6.91 -0.67
CA LYS A 16 -6.15 7.49 0.68
C LYS A 16 -6.76 8.90 0.68
N ARG A 1 2.40 -6.89 6.86
CA ARG A 1 3.43 -6.20 7.69
C ARG A 1 4.31 -5.30 6.83
N GLN A 2 4.71 -5.76 5.67
CA GLN A 2 5.56 -4.94 4.80
C GLN A 2 5.28 -5.22 3.32
N ILE A 3 5.48 -6.44 2.90
CA ILE A 3 5.25 -6.79 1.47
C ILE A 3 4.01 -6.04 0.95
N LYS A 4 2.95 -6.06 1.70
CA LYS A 4 1.75 -5.32 1.28
C LYS A 4 2.04 -3.84 1.42
N ILE A 5 2.71 -3.48 2.47
CA ILE A 5 3.07 -2.06 2.68
C ILE A 5 3.79 -1.57 1.43
N PHE A 6 4.44 -2.47 0.76
CA PHE A 6 5.14 -2.10 -0.50
C PHE A 6 4.08 -1.89 -1.58
N PHE A 7 3.02 -2.66 -1.51
CA PHE A 7 1.91 -2.52 -2.48
C PHE A 7 0.89 -1.56 -1.91
N GLN A 8 0.43 -1.79 -0.70
CA GLN A 8 -0.55 -0.87 -0.06
C GLN A 8 -0.10 0.56 -0.28
N ASN A 9 1.19 0.77 -0.33
CA ASN A 9 1.73 2.14 -0.60
C ASN A 9 1.22 2.61 -1.97
N ARG A 10 0.61 1.72 -2.71
CA ARG A 10 0.09 2.08 -4.06
C ARG A 10 -1.36 1.63 -4.19
N ARG A 11 -1.92 1.07 -3.15
CA ARG A 11 -3.33 0.59 -3.21
C ARG A 11 -4.16 1.42 -2.28
N MET A 12 -3.70 1.54 -1.07
CA MET A 12 -4.46 2.36 -0.08
C MET A 12 -4.02 3.81 -0.22
N LYS A 13 -2.77 4.03 -0.52
CA LYS A 13 -2.29 5.41 -0.74
C LYS A 13 -2.82 5.87 -2.09
N PHE A 14 -3.33 4.94 -2.85
CA PHE A 14 -3.91 5.22 -4.18
C PHE A 14 -5.30 5.83 -4.00
N LYS A 15 -5.84 5.70 -2.83
CA LYS A 15 -7.19 6.26 -2.55
C LYS A 15 -7.21 6.90 -1.16
N LYS A 16 -6.06 6.97 -0.53
CA LYS A 16 -5.98 7.55 0.82
C LYS A 16 -6.53 8.99 0.83
N ARG A 1 1.61 -7.99 6.29
CA ARG A 1 2.58 -7.36 7.26
C ARG A 1 3.27 -6.16 6.61
N GLN A 2 4.29 -6.38 5.84
CA GLN A 2 5.01 -5.26 5.19
C GLN A 2 5.00 -5.41 3.67
N ILE A 3 5.23 -6.59 3.18
CA ILE A 3 5.21 -6.79 1.70
C ILE A 3 4.10 -5.95 1.08
N LYS A 4 2.98 -5.91 1.75
CA LYS A 4 1.84 -5.09 1.25
C LYS A 4 2.20 -3.62 1.37
N ILE A 5 2.91 -3.27 2.38
CA ILE A 5 3.31 -1.85 2.54
C ILE A 5 3.96 -1.41 1.24
N PHE A 6 4.58 -2.33 0.58
CA PHE A 6 5.22 -2.00 -0.73
C PHE A 6 4.11 -1.81 -1.76
N PHE A 7 3.07 -2.61 -1.66
CA PHE A 7 1.92 -2.48 -2.59
C PHE A 7 0.91 -1.52 -1.99
N GLN A 8 0.51 -1.74 -0.77
CA GLN A 8 -0.44 -0.82 -0.09
C GLN A 8 -0.01 0.62 -0.37
N ASN A 9 1.28 0.84 -0.44
CA ASN A 9 1.80 2.20 -0.77
C ASN A 9 1.26 2.62 -2.14
N ARG A 10 0.66 1.70 -2.83
CA ARG A 10 0.13 1.99 -4.19
C ARG A 10 -1.34 1.54 -4.28
N ARG A 11 -1.89 1.03 -3.20
CA ARG A 11 -3.30 0.55 -3.23
C ARG A 11 -4.11 1.37 -2.25
N MET A 12 -3.62 1.48 -1.05
CA MET A 12 -4.34 2.29 -0.03
C MET A 12 -3.96 3.75 -0.20
N LYS A 13 -2.73 4.02 -0.54
CA LYS A 13 -2.31 5.42 -0.79
C LYS A 13 -2.93 5.87 -2.10
N PHE A 14 -3.45 4.91 -2.84
CA PHE A 14 -4.11 5.20 -4.14
C PHE A 14 -5.47 5.81 -3.87
N LYS A 15 -5.95 5.65 -2.67
CA LYS A 15 -7.28 6.21 -2.30
C LYS A 15 -7.20 6.86 -0.93
N LYS A 16 -6.41 6.27 -0.07
CA LYS A 16 -6.18 6.76 1.32
C LYS A 16 -7.07 7.96 1.72
N ARG A 1 2.94 -6.93 6.89
CA ARG A 1 4.11 -6.32 7.59
C ARG A 1 4.92 -5.45 6.62
N GLN A 2 5.12 -5.91 5.41
CA GLN A 2 5.90 -5.12 4.44
C GLN A 2 5.40 -5.36 3.02
N ILE A 3 5.42 -6.58 2.57
CA ILE A 3 4.95 -6.88 1.19
C ILE A 3 3.75 -6.01 0.86
N LYS A 4 2.82 -5.93 1.77
CA LYS A 4 1.63 -5.07 1.54
C LYS A 4 2.07 -3.63 1.63
N ILE A 5 2.89 -3.35 2.58
CA ILE A 5 3.40 -1.97 2.74
C ILE A 5 3.98 -1.53 1.42
N PHE A 6 4.45 -2.47 0.65
CA PHE A 6 5.00 -2.12 -0.69
C PHE A 6 3.82 -1.89 -1.63
N PHE A 7 2.76 -2.65 -1.45
CA PHE A 7 1.55 -2.47 -2.30
C PHE A 7 0.64 -1.46 -1.61
N GLN A 8 0.35 -1.68 -0.34
CA GLN A 8 -0.50 -0.72 0.43
C GLN A 8 -0.03 0.69 0.16
N ASN A 9 1.24 0.86 -0.07
CA ASN A 9 1.76 2.21 -0.37
C ASN A 9 1.29 2.65 -1.76
N ARG A 10 0.68 1.75 -2.49
CA ARG A 10 0.21 2.07 -3.87
C ARG A 10 -1.21 1.57 -4.10
N ARG A 11 -1.83 0.97 -3.10
CA ARG A 11 -3.21 0.45 -3.32
C ARG A 11 -4.18 1.19 -2.42
N MET A 12 -3.75 1.53 -1.26
CA MET A 12 -4.64 2.31 -0.34
C MET A 12 -4.20 3.75 -0.38
N LYS A 13 -2.92 3.99 -0.53
CA LYS A 13 -2.44 5.39 -0.66
C LYS A 13 -2.88 5.87 -2.04
N PHE A 14 -3.24 4.93 -2.87
CA PHE A 14 -3.71 5.23 -4.24
C PHE A 14 -5.11 5.83 -4.16
N LYS A 15 -5.77 5.65 -3.05
CA LYS A 15 -7.13 6.22 -2.88
C LYS A 15 -7.29 6.77 -1.47
N LYS A 16 -6.21 6.84 -0.73
CA LYS A 16 -6.26 7.35 0.65
C LYS A 16 -6.86 8.76 0.70
N ARG A 1 2.53 -5.31 8.42
CA ARG A 1 3.61 -6.11 7.76
C ARG A 1 4.43 -5.22 6.83
N GLN A 2 4.83 -5.72 5.68
CA GLN A 2 5.65 -4.90 4.75
C GLN A 2 5.33 -5.21 3.30
N ILE A 3 5.54 -6.44 2.90
CA ILE A 3 5.28 -6.81 1.47
C ILE A 3 4.05 -6.07 0.94
N LYS A 4 2.99 -6.10 1.68
CA LYS A 4 1.78 -5.36 1.23
C LYS A 4 2.05 -3.88 1.39
N ILE A 5 2.72 -3.51 2.43
CA ILE A 5 3.07 -2.09 2.64
C ILE A 5 3.77 -1.59 1.40
N PHE A 6 4.44 -2.47 0.71
CA PHE A 6 5.11 -2.08 -0.55
C PHE A 6 4.03 -1.85 -1.60
N PHE A 7 2.98 -2.63 -1.53
CA PHE A 7 1.84 -2.49 -2.48
C PHE A 7 0.82 -1.54 -1.88
N GLN A 8 0.38 -1.81 -0.67
CA GLN A 8 -0.60 -0.91 0.00
C GLN A 8 -0.15 0.54 -0.22
N ASN A 9 1.15 0.76 -0.26
CA ASN A 9 1.68 2.12 -0.52
C ASN A 9 1.18 2.59 -1.89
N ARG A 10 0.60 1.70 -2.64
CA ARG A 10 0.09 2.04 -4.00
C ARG A 10 -1.37 1.59 -4.14
N ARG A 11 -1.94 1.04 -3.10
CA ARG A 11 -3.35 0.56 -3.16
C ARG A 11 -4.19 1.39 -2.21
N MET A 12 -3.71 1.53 -1.01
CA MET A 12 -4.46 2.34 -0.02
C MET A 12 -4.03 3.80 -0.13
N LYS A 13 -2.80 4.02 -0.47
CA LYS A 13 -2.33 5.42 -0.67
C LYS A 13 -2.79 5.87 -2.04
N PHE A 14 -3.32 4.95 -2.80
CA PHE A 14 -3.80 5.24 -4.15
C PHE A 14 -5.18 5.91 -4.08
N LYS A 15 -5.84 5.74 -2.97
CA LYS A 15 -7.18 6.37 -2.82
C LYS A 15 -7.28 7.02 -1.44
N LYS A 16 -6.19 7.04 -0.73
CA LYS A 16 -6.16 7.65 0.62
C LYS A 16 -6.72 9.08 0.59
N ARG A 1 2.58 -8.69 6.11
CA ARG A 1 2.83 -7.72 7.22
C ARG A 1 3.51 -6.46 6.68
N GLN A 2 4.37 -6.60 5.71
CA GLN A 2 5.07 -5.41 5.16
C GLN A 2 5.15 -5.51 3.64
N ILE A 3 5.32 -6.67 3.08
CA ILE A 3 5.39 -6.77 1.61
C ILE A 3 4.22 -5.97 1.03
N LYS A 4 3.09 -6.00 1.70
CA LYS A 4 1.93 -5.21 1.25
C LYS A 4 2.24 -3.73 1.39
N ILE A 5 2.95 -3.38 2.40
CA ILE A 5 3.31 -1.95 2.60
C ILE A 5 3.93 -1.45 1.31
N PHE A 6 4.56 -2.33 0.61
CA PHE A 6 5.17 -1.95 -0.70
C PHE A 6 4.04 -1.75 -1.70
N PHE A 7 3.03 -2.58 -1.61
CA PHE A 7 1.85 -2.45 -2.52
C PHE A 7 0.87 -1.48 -1.89
N GLN A 8 0.49 -1.69 -0.65
CA GLN A 8 -0.46 -0.76 0.02
C GLN A 8 -0.02 0.67 -0.29
N ASN A 9 1.26 0.90 -0.39
CA ASN A 9 1.77 2.25 -0.74
C ASN A 9 1.21 2.65 -2.11
N ARG A 10 0.60 1.72 -2.79
CA ARG A 10 0.03 1.99 -4.13
C ARG A 10 -1.44 1.53 -4.19
N ARG A 11 -1.95 1.02 -3.10
CA ARG A 11 -3.36 0.54 -3.08
C ARG A 11 -4.16 1.39 -2.12
N MET A 12 -3.62 1.56 -0.94
CA MET A 12 -4.34 2.40 0.06
C MET A 12 -3.94 3.86 -0.14
N LYS A 13 -2.74 4.08 -0.57
CA LYS A 13 -2.31 5.47 -0.85
C LYS A 13 -2.89 5.86 -2.21
N PHE A 14 -3.46 4.90 -2.88
CA PHE A 14 -4.07 5.14 -4.20
C PHE A 14 -5.42 5.82 -4.02
N LYS A 15 -5.99 5.67 -2.86
CA LYS A 15 -7.31 6.30 -2.60
C LYS A 15 -7.28 6.96 -1.22
N LYS A 16 -6.14 6.98 -0.60
CA LYS A 16 -6.00 7.59 0.73
C LYS A 16 -6.58 9.00 0.77
N ARG A 1 3.07 -7.45 6.86
CA ARG A 1 3.50 -6.25 7.64
C ARG A 1 4.37 -5.32 6.78
N GLN A 2 4.78 -5.77 5.63
CA GLN A 2 5.63 -4.91 4.76
C GLN A 2 5.37 -5.19 3.29
N ILE A 3 5.63 -6.40 2.85
CA ILE A 3 5.41 -6.73 1.41
C ILE A 3 4.16 -6.03 0.90
N LYS A 4 3.09 -6.10 1.64
CA LYS A 4 1.87 -5.39 1.22
C LYS A 4 2.10 -3.91 1.38
N ILE A 5 2.74 -3.52 2.45
CA ILE A 5 3.04 -2.09 2.66
C ILE A 5 3.74 -1.57 1.42
N PHE A 6 4.43 -2.43 0.74
CA PHE A 6 5.11 -2.02 -0.52
C PHE A 6 4.04 -1.85 -1.60
N PHE A 7 3.02 -2.67 -1.53
CA PHE A 7 1.89 -2.57 -2.50
C PHE A 7 0.81 -1.66 -1.92
N GLN A 8 0.46 -1.89 -0.68
CA GLN A 8 -0.57 -1.03 -0.03
C GLN A 8 -0.16 0.43 -0.23
N ASN A 9 1.12 0.68 -0.22
CA ASN A 9 1.61 2.07 -0.46
C ASN A 9 1.08 2.55 -1.81
N ARG A 10 0.53 1.65 -2.58
CA ARG A 10 0.00 2.02 -3.92
C ARG A 10 -1.45 1.55 -4.07
N ARG A 11 -2.04 1.00 -3.02
CA ARG A 11 -3.43 0.51 -3.11
C ARG A 11 -4.30 1.30 -2.14
N MET A 12 -3.75 1.62 -1.01
CA MET A 12 -4.53 2.42 -0.01
C MET A 12 -4.07 3.87 -0.09
N LYS A 13 -2.84 4.07 -0.48
CA LYS A 13 -2.34 5.45 -0.65
C LYS A 13 -2.75 5.90 -2.05
N PHE A 14 -3.31 4.98 -2.80
CA PHE A 14 -3.75 5.27 -4.18
C PHE A 14 -5.11 5.96 -4.13
N LYS A 15 -5.81 5.83 -3.05
CA LYS A 15 -7.14 6.49 -2.93
C LYS A 15 -7.23 7.21 -1.58
N LYS A 16 -6.14 7.23 -0.85
CA LYS A 16 -6.12 7.88 0.47
C LYS A 16 -6.62 9.32 0.37
N ARG A 1 2.88 -5.35 8.96
CA ARG A 1 3.31 -6.10 7.74
C ARG A 1 4.21 -5.22 6.87
N GLN A 2 4.61 -5.70 5.72
CA GLN A 2 5.48 -4.90 4.84
C GLN A 2 5.21 -5.22 3.37
N ILE A 3 5.39 -6.45 2.97
CA ILE A 3 5.17 -6.83 1.55
C ILE A 3 3.98 -6.07 0.99
N LYS A 4 2.90 -6.05 1.71
CA LYS A 4 1.71 -5.29 1.26
C LYS A 4 2.02 -3.82 1.38
N ILE A 5 2.67 -3.46 2.45
CA ILE A 5 3.05 -2.03 2.64
C ILE A 5 3.79 -1.56 1.40
N PHE A 6 4.46 -2.48 0.76
CA PHE A 6 5.17 -2.11 -0.50
C PHE A 6 4.13 -1.90 -1.59
N PHE A 7 3.06 -2.66 -1.53
CA PHE A 7 1.96 -2.51 -2.51
C PHE A 7 0.92 -1.55 -1.95
N GLN A 8 0.46 -1.79 -0.75
CA GLN A 8 -0.53 -0.86 -0.12
C GLN A 8 -0.07 0.58 -0.35
N ASN A 9 1.23 0.78 -0.39
CA ASN A 9 1.77 2.14 -0.66
C ASN A 9 1.26 2.62 -2.02
N ARG A 10 0.65 1.73 -2.77
CA ARG A 10 0.12 2.08 -4.11
C ARG A 10 -1.35 1.65 -4.24
N ARG A 11 -1.89 1.07 -3.19
CA ARG A 11 -3.29 0.60 -3.23
C ARG A 11 -4.11 1.43 -2.26
N MET A 12 -3.64 1.53 -1.06
CA MET A 12 -4.37 2.35 -0.05
C MET A 12 -3.97 3.81 -0.21
N LYS A 13 -2.73 4.05 -0.53
CA LYS A 13 -2.28 5.45 -0.75
C LYS A 13 -2.86 5.90 -2.08
N PHE A 14 -3.34 4.95 -2.84
CA PHE A 14 -3.95 5.25 -4.16
C PHE A 14 -5.36 5.81 -3.94
N LYS A 15 -5.88 5.63 -2.75
CA LYS A 15 -7.23 6.16 -2.43
C LYS A 15 -7.24 6.74 -1.03
N LYS A 16 -6.09 6.84 -0.42
CA LYS A 16 -6.00 7.39 0.95
C LYS A 16 -6.62 8.78 1.03
N ARG A 1 1.80 -7.26 8.36
CA ARG A 1 2.87 -7.64 7.39
C ARG A 1 3.53 -6.39 6.81
N GLN A 2 4.34 -6.55 5.81
CA GLN A 2 5.02 -5.38 5.19
C GLN A 2 5.02 -5.50 3.68
N ILE A 3 5.29 -6.66 3.15
CA ILE A 3 5.30 -6.81 1.67
C ILE A 3 4.17 -5.98 1.07
N LYS A 4 3.04 -5.99 1.71
CA LYS A 4 1.89 -5.18 1.21
C LYS A 4 2.22 -3.70 1.36
N ILE A 5 2.92 -3.36 2.39
CA ILE A 5 3.30 -1.94 2.59
C ILE A 5 3.95 -1.44 1.30
N PHE A 6 4.60 -2.34 0.63
CA PHE A 6 5.24 -1.96 -0.67
C PHE A 6 4.13 -1.78 -1.70
N PHE A 7 3.11 -2.59 -1.62
CA PHE A 7 1.95 -2.47 -2.55
C PHE A 7 0.95 -1.49 -1.96
N GLN A 8 0.55 -1.69 -0.73
CA GLN A 8 -0.41 -0.77 -0.07
C GLN A 8 0.01 0.67 -0.37
N ASN A 9 1.29 0.89 -0.47
CA ASN A 9 1.80 2.25 -0.82
C ASN A 9 1.22 2.67 -2.17
N ARG A 10 0.59 1.74 -2.85
CA ARG A 10 0.00 2.03 -4.18
C ARG A 10 -1.47 1.57 -4.22
N ARG A 11 -1.96 1.03 -3.13
CA ARG A 11 -3.36 0.54 -3.10
C ARG A 11 -4.15 1.38 -2.11
N MET A 12 -3.60 1.55 -0.95
CA MET A 12 -4.30 2.37 0.07
C MET A 12 -3.92 3.83 -0.13
N LYS A 13 -2.72 4.07 -0.57
CA LYS A 13 -2.30 5.46 -0.85
C LYS A 13 -2.91 5.87 -2.19
N PHE A 14 -3.48 4.90 -2.87
CA PHE A 14 -4.12 5.14 -4.18
C PHE A 14 -5.46 5.83 -3.95
N LYS A 15 -6.02 5.66 -2.79
CA LYS A 15 -7.34 6.28 -2.50
C LYS A 15 -7.29 6.91 -1.10
N LYS A 16 -6.14 6.93 -0.50
CA LYS A 16 -5.99 7.50 0.85
C LYS A 16 -6.59 8.90 0.93
N ARG A 1 3.14 -8.86 6.30
CA ARG A 1 3.22 -7.80 7.35
C ARG A 1 3.82 -6.52 6.77
N GLN A 2 4.59 -6.62 5.72
CA GLN A 2 5.19 -5.42 5.12
C GLN A 2 5.16 -5.51 3.59
N ILE A 3 5.46 -6.64 3.03
CA ILE A 3 5.43 -6.77 1.55
C ILE A 3 4.26 -5.96 0.99
N LYS A 4 3.14 -6.02 1.66
CA LYS A 4 1.96 -5.24 1.19
C LYS A 4 2.25 -3.77 1.38
N ILE A 5 2.95 -3.41 2.41
CA ILE A 5 3.29 -1.98 2.62
C ILE A 5 3.89 -1.44 1.33
N PHE A 6 4.55 -2.31 0.62
CA PHE A 6 5.13 -1.91 -0.68
C PHE A 6 4.00 -1.74 -1.69
N PHE A 7 3.01 -2.60 -1.59
CA PHE A 7 1.83 -2.52 -2.50
C PHE A 7 0.80 -1.57 -1.88
N GLN A 8 0.53 -1.72 -0.61
CA GLN A 8 -0.44 -0.82 0.06
C GLN A 8 -0.04 0.62 -0.23
N ASN A 9 1.23 0.88 -0.31
CA ASN A 9 1.69 2.25 -0.64
C ASN A 9 1.13 2.65 -2.00
N ARG A 10 0.54 1.70 -2.69
CA ARG A 10 -0.03 1.96 -4.03
C ARG A 10 -1.47 1.45 -4.11
N ARG A 11 -2.02 0.99 -3.02
CA ARG A 11 -3.40 0.47 -3.06
C ARG A 11 -4.28 1.30 -2.13
N MET A 12 -3.72 1.69 -1.02
CA MET A 12 -4.50 2.53 -0.06
C MET A 12 -4.06 3.97 -0.24
N LYS A 13 -2.80 4.16 -0.56
CA LYS A 13 -2.33 5.54 -0.84
C LYS A 13 -2.88 5.94 -2.21
N PHE A 14 -3.36 4.96 -2.92
CA PHE A 14 -3.95 5.19 -4.26
C PHE A 14 -5.33 5.80 -4.09
N LYS A 15 -5.88 5.72 -2.91
CA LYS A 15 -7.22 6.32 -2.65
C LYS A 15 -7.23 6.97 -1.27
N LYS A 16 -6.09 7.08 -0.66
CA LYS A 16 -6.00 7.68 0.69
C LYS A 16 -6.58 9.09 0.68
N ARG A 1 3.03 -5.61 8.36
CA ARG A 1 4.04 -6.42 7.60
C ARG A 1 4.83 -5.51 6.65
N GLN A 2 5.11 -5.95 5.45
CA GLN A 2 5.88 -5.12 4.50
C GLN A 2 5.41 -5.34 3.07
N ILE A 3 5.51 -6.55 2.58
CA ILE A 3 5.10 -6.83 1.18
C ILE A 3 3.87 -6.01 0.81
N LYS A 4 2.87 -6.02 1.66
CA LYS A 4 1.67 -5.21 1.38
C LYS A 4 2.05 -3.75 1.55
N ILE A 5 2.83 -3.47 2.54
CA ILE A 5 3.28 -2.06 2.75
C ILE A 5 3.86 -1.55 1.46
N PHE A 6 4.40 -2.44 0.68
CA PHE A 6 4.96 -2.04 -0.64
C PHE A 6 3.79 -1.84 -1.61
N PHE A 7 2.76 -2.63 -1.45
CA PHE A 7 1.55 -2.49 -2.32
C PHE A 7 0.57 -1.52 -1.67
N GLN A 8 0.39 -1.64 -0.37
CA GLN A 8 -0.51 -0.71 0.35
C GLN A 8 -0.07 0.72 0.05
N ASN A 9 1.22 0.93 -0.02
CA ASN A 9 1.73 2.28 -0.35
C ASN A 9 1.24 2.68 -1.74
N ARG A 10 0.68 1.74 -2.46
CA ARG A 10 0.19 2.03 -3.83
C ARG A 10 -1.23 1.47 -4.02
N ARG A 11 -1.85 0.97 -2.98
CA ARG A 11 -3.22 0.42 -3.14
C ARG A 11 -4.18 1.21 -2.27
N MET A 12 -3.73 1.60 -1.12
CA MET A 12 -4.58 2.41 -0.20
C MET A 12 -4.15 3.85 -0.33
N LYS A 13 -2.87 4.08 -0.53
CA LYS A 13 -2.40 5.47 -0.74
C LYS A 13 -2.84 5.89 -2.13
N PHE A 14 -3.23 4.92 -2.92
CA PHE A 14 -3.70 5.17 -4.29
C PHE A 14 -5.11 5.78 -4.22
N LYS A 15 -5.75 5.63 -3.10
CA LYS A 15 -7.12 6.20 -2.94
C LYS A 15 -7.27 6.80 -1.54
N LYS A 16 -6.19 6.89 -0.82
CA LYS A 16 -6.24 7.44 0.55
C LYS A 16 -6.87 8.83 0.56
N ARG A 1 2.21 -7.23 8.72
CA ARG A 1 3.09 -7.60 7.57
C ARG A 1 3.70 -6.34 6.94
N GLN A 2 4.40 -6.49 5.85
CA GLN A 2 5.03 -5.32 5.19
C GLN A 2 5.00 -5.46 3.68
N ILE A 3 5.29 -6.63 3.17
CA ILE A 3 5.27 -6.81 1.68
C ILE A 3 4.15 -5.98 1.08
N LYS A 4 3.00 -5.99 1.70
CA LYS A 4 1.87 -5.19 1.18
C LYS A 4 2.19 -3.71 1.33
N ILE A 5 2.89 -3.35 2.37
CA ILE A 5 3.26 -1.93 2.56
C ILE A 5 3.90 -1.44 1.27
N PHE A 6 4.56 -2.34 0.60
CA PHE A 6 5.18 -1.97 -0.71
C PHE A 6 4.06 -1.77 -1.72
N PHE A 7 3.05 -2.58 -1.65
CA PHE A 7 1.88 -2.45 -2.57
C PHE A 7 0.88 -1.48 -1.95
N GLN A 8 0.51 -1.68 -0.72
CA GLN A 8 -0.45 -0.74 -0.05
C GLN A 8 0.00 0.68 -0.35
N ASN A 9 1.29 0.90 -0.44
CA ASN A 9 1.81 2.25 -0.79
C ASN A 9 1.25 2.66 -2.16
N ARG A 10 0.64 1.73 -2.84
CA ARG A 10 0.07 2.01 -4.18
C ARG A 10 -1.40 1.57 -4.23
N ARG A 11 -1.92 1.05 -3.14
CA ARG A 11 -3.33 0.58 -3.11
C ARG A 11 -4.10 1.44 -2.15
N MET A 12 -3.59 1.57 -0.96
CA MET A 12 -4.29 2.41 0.05
C MET A 12 -3.92 3.87 -0.17
N LYS A 13 -2.70 4.12 -0.55
CA LYS A 13 -2.28 5.51 -0.84
C LYS A 13 -2.91 5.92 -2.17
N PHE A 14 -3.40 4.93 -2.88
CA PHE A 14 -4.06 5.17 -4.19
C PHE A 14 -5.46 5.70 -3.94
N LYS A 15 -5.94 5.55 -2.74
CA LYS A 15 -7.30 6.07 -2.41
C LYS A 15 -7.29 6.69 -1.02
N LYS A 16 -6.12 6.83 -0.44
CA LYS A 16 -6.01 7.41 0.90
C LYS A 16 -6.70 8.77 0.98
N ARG A 1 2.37 -6.85 6.84
CA ARG A 1 3.45 -6.23 7.67
C ARG A 1 4.35 -5.34 6.80
N GLN A 2 4.71 -5.80 5.63
CA GLN A 2 5.58 -5.00 4.75
C GLN A 2 5.27 -5.27 3.28
N ILE A 3 5.41 -6.49 2.85
CA ILE A 3 5.14 -6.82 1.42
C ILE A 3 3.93 -6.03 0.93
N LYS A 4 2.87 -6.02 1.70
CA LYS A 4 1.68 -5.24 1.30
C LYS A 4 2.02 -3.78 1.44
N ILE A 5 2.73 -3.44 2.47
CA ILE A 5 3.14 -2.02 2.68
C ILE A 5 3.84 -1.56 1.42
N PHE A 6 4.45 -2.47 0.73
CA PHE A 6 5.12 -2.11 -0.55
C PHE A 6 4.03 -1.87 -1.59
N PHE A 7 2.97 -2.63 -1.51
CA PHE A 7 1.85 -2.46 -2.46
C PHE A 7 0.85 -1.48 -1.85
N GLN A 8 0.42 -1.72 -0.63
CA GLN A 8 -0.53 -0.79 0.03
C GLN A 8 -0.07 0.64 -0.23
N ASN A 9 1.23 0.83 -0.28
CA ASN A 9 1.78 2.19 -0.59
C ASN A 9 1.27 2.64 -1.97
N ARG A 10 0.67 1.72 -2.69
CA ARG A 10 0.15 2.04 -4.05
C ARG A 10 -1.31 1.58 -4.18
N ARG A 11 -1.87 1.03 -3.14
CA ARG A 11 -3.28 0.56 -3.20
C ARG A 11 -4.11 1.40 -2.27
N MET A 12 -3.67 1.52 -1.06
CA MET A 12 -4.43 2.36 -0.08
C MET A 12 -4.01 3.81 -0.24
N LYS A 13 -2.76 4.04 -0.51
CA LYS A 13 -2.30 5.44 -0.74
C LYS A 13 -2.85 5.88 -2.10
N PHE A 14 -3.31 4.92 -2.86
CA PHE A 14 -3.89 5.20 -4.19
C PHE A 14 -5.29 5.77 -4.02
N LYS A 15 -5.84 5.61 -2.84
CA LYS A 15 -7.21 6.15 -2.58
C LYS A 15 -7.25 6.75 -1.17
N LYS A 16 -6.12 6.87 -0.54
CA LYS A 16 -6.05 7.41 0.82
C LYS A 16 -6.67 8.82 0.87
N ARG A 1 3.09 -7.27 6.80
CA ARG A 1 3.91 -6.32 7.62
C ARG A 1 4.71 -5.39 6.72
N GLN A 2 5.02 -5.82 5.52
CA GLN A 2 5.81 -4.96 4.60
C GLN A 2 5.44 -5.22 3.16
N ILE A 3 5.61 -6.44 2.70
CA ILE A 3 5.28 -6.76 1.29
C ILE A 3 4.03 -6.01 0.85
N LYS A 4 3.01 -6.06 1.66
CA LYS A 4 1.77 -5.31 1.33
C LYS A 4 2.07 -3.84 1.49
N ILE A 5 2.78 -3.50 2.51
CA ILE A 5 3.14 -2.08 2.72
C ILE A 5 3.78 -1.55 1.44
N PHE A 6 4.39 -2.43 0.72
CA PHE A 6 5.01 -2.02 -0.58
C PHE A 6 3.87 -1.85 -1.59
N PHE A 7 2.86 -2.67 -1.48
CA PHE A 7 1.69 -2.57 -2.39
C PHE A 7 0.67 -1.63 -1.78
N GLN A 8 0.39 -1.79 -0.51
CA GLN A 8 -0.57 -0.90 0.18
C GLN A 8 -0.15 0.54 -0.06
N ASN A 9 1.13 0.76 -0.09
CA ASN A 9 1.64 2.13 -0.36
C ASN A 9 1.16 2.58 -1.74
N ARG A 10 0.59 1.67 -2.48
CA ARG A 10 0.12 2.01 -3.85
C ARG A 10 -1.32 1.51 -4.06
N ARG A 11 -1.95 0.98 -3.03
CA ARG A 11 -3.32 0.47 -3.20
C ARG A 11 -4.26 1.26 -2.31
N MET A 12 -3.80 1.63 -1.15
CA MET A 12 -4.64 2.44 -0.23
C MET A 12 -4.17 3.88 -0.31
N LYS A 13 -2.89 4.07 -0.51
CA LYS A 13 -2.37 5.44 -0.69
C LYS A 13 -2.80 5.90 -2.08
N PHE A 14 -3.22 4.96 -2.87
CA PHE A 14 -3.69 5.25 -4.25
C PHE A 14 -5.07 5.90 -4.16
N LYS A 15 -5.72 5.77 -3.03
CA LYS A 15 -7.06 6.38 -2.86
C LYS A 15 -7.18 6.97 -1.46
N LYS A 16 -6.10 7.01 -0.74
CA LYS A 16 -6.12 7.55 0.64
C LYS A 16 -6.68 8.98 0.65
N ARG A 1 2.72 -8.69 6.07
CA ARG A 1 3.22 -7.80 7.16
C ARG A 1 3.93 -6.57 6.58
N GLN A 2 4.64 -6.75 5.51
CA GLN A 2 5.36 -5.61 4.90
C GLN A 2 5.23 -5.65 3.38
N ILE A 3 5.23 -6.81 2.78
CA ILE A 3 5.10 -6.86 1.31
C ILE A 3 3.94 -5.95 0.90
N LYS A 4 2.92 -5.90 1.72
CA LYS A 4 1.77 -5.01 1.44
C LYS A 4 2.22 -3.57 1.57
N ILE A 5 3.08 -3.30 2.50
CA ILE A 5 3.59 -1.92 2.68
C ILE A 5 4.07 -1.41 1.33
N PHE A 6 4.53 -2.32 0.53
CA PHE A 6 5.00 -1.96 -0.83
C PHE A 6 3.77 -1.76 -1.72
N PHE A 7 2.76 -2.56 -1.54
CA PHE A 7 1.50 -2.44 -2.33
C PHE A 7 0.60 -1.41 -1.64
N GLN A 8 0.51 -1.48 -0.35
CA GLN A 8 -0.31 -0.50 0.40
C GLN A 8 0.10 0.91 0.00
N ASN A 9 1.38 1.11 -0.17
CA ASN A 9 1.86 2.44 -0.60
C ASN A 9 1.30 2.77 -1.98
N ARG A 10 0.71 1.80 -2.62
CA ARG A 10 0.15 2.02 -3.98
C ARG A 10 -1.26 1.42 -4.10
N ARG A 11 -1.83 0.96 -3.01
CA ARG A 11 -3.19 0.38 -3.08
C ARG A 11 -4.13 1.14 -2.17
N MET A 12 -3.63 1.60 -1.06
CA MET A 12 -4.48 2.40 -0.14
C MET A 12 -4.09 3.86 -0.31
N LYS A 13 -2.84 4.11 -0.57
CA LYS A 13 -2.41 5.50 -0.83
C LYS A 13 -2.95 5.89 -2.21
N PHE A 14 -3.35 4.88 -2.95
CA PHE A 14 -3.92 5.09 -4.30
C PHE A 14 -5.33 5.64 -4.17
N LYS A 15 -5.91 5.53 -3.00
CA LYS A 15 -7.28 6.06 -2.79
C LYS A 15 -7.36 6.71 -1.40
N LYS A 16 -6.24 6.87 -0.75
CA LYS A 16 -6.22 7.47 0.59
C LYS A 16 -6.87 8.85 0.57
N ARG A 1 2.56 -6.98 6.74
CA ARG A 1 3.71 -6.46 7.55
C ARG A 1 4.59 -5.54 6.69
N GLN A 2 4.91 -5.95 5.50
CA GLN A 2 5.76 -5.11 4.63
C GLN A 2 5.40 -5.31 3.17
N ILE A 3 5.54 -6.52 2.67
CA ILE A 3 5.23 -6.78 1.24
C ILE A 3 3.98 -6.00 0.84
N LYS A 4 2.96 -6.04 1.65
CA LYS A 4 1.75 -5.26 1.35
C LYS A 4 2.07 -3.80 1.51
N ILE A 5 2.81 -3.47 2.53
CA ILE A 5 3.22 -2.06 2.75
C ILE A 5 3.83 -1.55 1.46
N PHE A 6 4.41 -2.43 0.71
CA PHE A 6 4.99 -2.03 -0.60
C PHE A 6 3.83 -1.83 -1.59
N PHE A 7 2.83 -2.65 -1.48
CA PHE A 7 1.64 -2.53 -2.37
C PHE A 7 0.64 -1.56 -1.73
N GLN A 8 0.42 -1.70 -0.45
CA GLN A 8 -0.52 -0.78 0.25
C GLN A 8 -0.08 0.65 -0.04
N ASN A 9 1.21 0.86 -0.09
CA ASN A 9 1.72 2.22 -0.41
C ASN A 9 1.23 2.63 -1.80
N ARG A 10 0.67 1.70 -2.52
CA ARG A 10 0.17 1.98 -3.89
C ARG A 10 -1.25 1.45 -4.07
N ARG A 11 -1.87 0.97 -3.02
CA ARG A 11 -3.25 0.44 -3.17
C ARG A 11 -4.19 1.24 -2.28
N MET A 12 -3.72 1.61 -1.12
CA MET A 12 -4.57 2.42 -0.21
C MET A 12 -4.12 3.88 -0.33
N LYS A 13 -2.86 4.10 -0.55
CA LYS A 13 -2.37 5.48 -0.75
C LYS A 13 -2.85 5.92 -2.14
N PHE A 14 -3.28 4.95 -2.91
CA PHE A 14 -3.80 5.20 -4.27
C PHE A 14 -5.19 5.82 -4.16
N LYS A 15 -5.80 5.71 -3.01
CA LYS A 15 -7.14 6.29 -2.81
C LYS A 15 -7.24 6.91 -1.42
N LYS A 16 -6.15 6.97 -0.72
CA LYS A 16 -6.15 7.55 0.64
C LYS A 16 -6.73 8.96 0.64
N ARG A 1 2.72 -8.59 6.26
CA ARG A 1 3.42 -7.77 7.30
C ARG A 1 4.08 -6.54 6.67
N GLN A 2 4.75 -6.72 5.56
CA GLN A 2 5.42 -5.58 4.90
C GLN A 2 5.20 -5.63 3.39
N ILE A 3 5.34 -6.78 2.80
CA ILE A 3 5.13 -6.88 1.32
C ILE A 3 3.97 -5.96 0.92
N LYS A 4 2.94 -5.94 1.70
CA LYS A 4 1.79 -5.06 1.40
C LYS A 4 2.21 -3.61 1.55
N ILE A 5 3.06 -3.33 2.49
CA ILE A 5 3.55 -1.94 2.67
C ILE A 5 4.03 -1.44 1.32
N PHE A 6 4.52 -2.35 0.53
CA PHE A 6 4.98 -1.99 -0.83
C PHE A 6 3.75 -1.77 -1.71
N PHE A 7 2.75 -2.59 -1.54
CA PHE A 7 1.49 -2.43 -2.33
C PHE A 7 0.59 -1.40 -1.64
N GLN A 8 0.49 -1.49 -0.34
CA GLN A 8 -0.34 -0.51 0.41
C GLN A 8 0.09 0.89 0.02
N ASN A 9 1.36 1.08 -0.15
CA ASN A 9 1.86 2.42 -0.57
C ASN A 9 1.31 2.76 -1.96
N ARG A 10 0.71 1.79 -2.61
CA ARG A 10 0.16 2.03 -3.97
C ARG A 10 -1.25 1.43 -4.09
N ARG A 11 -1.83 0.99 -3.01
CA ARG A 11 -3.19 0.40 -3.09
C ARG A 11 -4.14 1.17 -2.19
N MET A 12 -3.65 1.61 -1.08
CA MET A 12 -4.49 2.41 -0.15
C MET A 12 -4.11 3.88 -0.32
N LYS A 13 -2.86 4.13 -0.58
CA LYS A 13 -2.41 5.52 -0.83
C LYS A 13 -2.95 5.90 -2.21
N PHE A 14 -3.36 4.91 -2.95
CA PHE A 14 -3.92 5.12 -4.31
C PHE A 14 -5.33 5.68 -4.18
N LYS A 15 -5.91 5.56 -3.01
CA LYS A 15 -7.28 6.09 -2.80
C LYS A 15 -7.37 6.73 -1.42
N LYS A 16 -6.25 6.90 -0.77
CA LYS A 16 -6.24 7.50 0.57
C LYS A 16 -6.86 8.90 0.56
N ARG A 1 3.91 -8.87 6.95
CA ARG A 1 3.24 -7.65 7.48
C ARG A 1 3.82 -6.38 6.85
N GLN A 2 4.56 -6.53 5.78
CA GLN A 2 5.16 -5.34 5.13
C GLN A 2 5.10 -5.48 3.61
N ILE A 3 5.38 -6.62 3.08
CA ILE A 3 5.33 -6.79 1.60
C ILE A 3 4.18 -5.98 1.03
N LYS A 4 3.05 -6.00 1.69
CA LYS A 4 1.89 -5.21 1.23
C LYS A 4 2.20 -3.73 1.37
N ILE A 5 2.93 -3.37 2.38
CA ILE A 5 3.29 -1.95 2.56
C ILE A 5 3.90 -1.45 1.27
N PHE A 6 4.55 -2.35 0.57
CA PHE A 6 5.15 -1.98 -0.74
C PHE A 6 4.02 -1.77 -1.73
N PHE A 7 3.00 -2.59 -1.63
CA PHE A 7 1.82 -2.45 -2.54
C PHE A 7 0.84 -1.48 -1.90
N GLN A 8 0.46 -1.71 -0.67
CA GLN A 8 -0.48 -0.78 0.02
C GLN A 8 -0.05 0.66 -0.27
N ASN A 9 1.24 0.87 -0.35
CA ASN A 9 1.75 2.24 -0.70
C ASN A 9 1.19 2.66 -2.06
N ARG A 10 0.59 1.73 -2.75
CA ARG A 10 0.02 2.02 -4.09
C ARG A 10 -1.45 1.56 -4.15
N ARG A 11 -1.97 1.03 -3.07
CA ARG A 11 -3.38 0.55 -3.06
C ARG A 11 -4.17 1.40 -2.08
N MET A 12 -3.63 1.57 -0.91
CA MET A 12 -4.35 2.41 0.09
C MET A 12 -3.94 3.86 -0.09
N LYS A 13 -2.74 4.09 -0.51
CA LYS A 13 -2.31 5.49 -0.76
C LYS A 13 -2.83 5.90 -2.14
N PHE A 14 -3.38 4.94 -2.84
CA PHE A 14 -3.93 5.19 -4.19
C PHE A 14 -5.32 5.79 -4.07
N LYS A 15 -5.93 5.64 -2.92
CA LYS A 15 -7.30 6.20 -2.74
C LYS A 15 -7.38 6.84 -1.35
N LYS A 16 -6.27 6.96 -0.70
CA LYS A 16 -6.23 7.56 0.65
C LYS A 16 -6.92 8.92 0.67
N ARG A 1 2.90 -7.14 6.82
CA ARG A 1 3.92 -6.39 7.60
C ARG A 1 4.76 -5.49 6.69
N GLN A 2 5.01 -5.91 5.48
CA GLN A 2 5.82 -5.11 4.55
C GLN A 2 5.39 -5.33 3.10
N ILE A 3 5.50 -6.54 2.62
CA ILE A 3 5.11 -6.82 1.21
C ILE A 3 3.87 -6.01 0.84
N LYS A 4 2.88 -6.01 1.68
CA LYS A 4 1.67 -5.20 1.40
C LYS A 4 2.03 -3.75 1.55
N ILE A 5 2.81 -3.45 2.55
CA ILE A 5 3.24 -2.05 2.77
C ILE A 5 3.86 -1.54 1.48
N PHE A 6 4.39 -2.44 0.71
CA PHE A 6 4.97 -2.04 -0.60
C PHE A 6 3.81 -1.84 -1.58
N PHE A 7 2.79 -2.65 -1.45
CA PHE A 7 1.59 -2.52 -2.33
C PHE A 7 0.61 -1.54 -1.70
N GLN A 8 0.41 -1.65 -0.42
CA GLN A 8 -0.49 -0.71 0.29
C GLN A 8 -0.05 0.70 -0.01
N ASN A 9 1.24 0.91 -0.06
CA ASN A 9 1.76 2.26 -0.40
C ASN A 9 1.29 2.64 -1.80
N ARG A 10 0.74 1.71 -2.52
CA ARG A 10 0.27 1.98 -3.89
C ARG A 10 -1.14 1.41 -4.10
N ARG A 11 -1.81 1.01 -3.05
CA ARG A 11 -3.17 0.45 -3.21
C ARG A 11 -4.14 1.22 -2.32
N MET A 12 -3.68 1.58 -1.16
CA MET A 12 -4.55 2.38 -0.25
C MET A 12 -4.13 3.83 -0.37
N LYS A 13 -2.86 4.06 -0.58
CA LYS A 13 -2.39 5.45 -0.78
C LYS A 13 -2.89 5.90 -2.15
N PHE A 14 -3.31 4.94 -2.93
CA PHE A 14 -3.86 5.21 -4.28
C PHE A 14 -5.23 5.84 -4.14
N LYS A 15 -5.83 5.67 -2.99
CA LYS A 15 -7.18 6.24 -2.75
C LYS A 15 -7.26 6.82 -1.34
N LYS A 16 -6.15 6.88 -0.67
CA LYS A 16 -6.13 7.42 0.70
C LYS A 16 -6.73 8.82 0.76
N ARG A 1 2.12 -7.31 8.64
CA ARG A 1 2.89 -7.66 7.41
C ARG A 1 3.56 -6.40 6.83
N GLN A 2 4.32 -6.56 5.78
CA GLN A 2 5.01 -5.38 5.18
C GLN A 2 5.07 -5.50 3.67
N ILE A 3 5.24 -6.68 3.13
CA ILE A 3 5.29 -6.79 1.65
C ILE A 3 4.14 -5.98 1.06
N LYS A 4 3.01 -5.97 1.72
CA LYS A 4 1.87 -5.16 1.24
C LYS A 4 2.22 -3.69 1.37
N ILE A 5 2.92 -3.34 2.39
CA ILE A 5 3.32 -1.92 2.57
C ILE A 5 3.94 -1.43 1.29
N PHE A 6 4.57 -2.34 0.59
CA PHE A 6 5.18 -1.98 -0.72
C PHE A 6 4.05 -1.76 -1.72
N PHE A 7 3.03 -2.58 -1.62
CA PHE A 7 1.85 -2.44 -2.53
C PHE A 7 0.88 -1.44 -1.91
N GLN A 8 0.51 -1.65 -0.67
CA GLN A 8 -0.42 -0.70 0.00
C GLN A 8 0.02 0.73 -0.32
N ASN A 9 1.30 0.93 -0.44
CA ASN A 9 1.83 2.28 -0.80
C ASN A 9 1.27 2.67 -2.17
N ARG A 10 0.63 1.73 -2.84
CA ARG A 10 0.06 2.00 -4.18
C ARG A 10 -1.40 1.53 -4.24
N ARG A 11 -1.92 1.03 -3.14
CA ARG A 11 -3.32 0.54 -3.13
C ARG A 11 -4.12 1.39 -2.18
N MET A 12 -3.63 1.56 -1.00
CA MET A 12 -4.35 2.41 0.00
C MET A 12 -3.96 3.86 -0.23
N LYS A 13 -2.72 4.10 -0.56
CA LYS A 13 -2.29 5.49 -0.85
C LYS A 13 -2.92 5.90 -2.18
N PHE A 14 -3.41 4.91 -2.89
CA PHE A 14 -4.07 5.15 -4.19
C PHE A 14 -5.47 5.72 -3.95
N LYS A 15 -5.94 5.58 -2.73
CA LYS A 15 -7.29 6.12 -2.40
C LYS A 15 -7.26 6.75 -1.01
N LYS A 16 -6.10 6.87 -0.44
CA LYS A 16 -5.97 7.46 0.90
C LYS A 16 -6.58 8.86 0.95
N ARG A 1 3.81 -9.00 6.61
CA ARG A 1 3.32 -7.75 7.26
C ARG A 1 3.98 -6.51 6.65
N GLN A 2 4.67 -6.68 5.55
CA GLN A 2 5.34 -5.53 4.91
C GLN A 2 5.17 -5.58 3.39
N ILE A 3 5.29 -6.73 2.80
CA ILE A 3 5.11 -6.82 1.32
C ILE A 3 3.97 -5.90 0.89
N LYS A 4 2.94 -5.86 1.67
CA LYS A 4 1.79 -4.97 1.36
C LYS A 4 2.22 -3.54 1.53
N ILE A 5 3.03 -3.27 2.49
CA ILE A 5 3.50 -1.88 2.69
C ILE A 5 4.02 -1.37 1.36
N PHE A 6 4.54 -2.28 0.58
CA PHE A 6 5.04 -1.90 -0.78
C PHE A 6 3.84 -1.74 -1.71
N PHE A 7 2.86 -2.59 -1.56
CA PHE A 7 1.63 -2.48 -2.41
C PHE A 7 0.65 -1.51 -1.75
N GLN A 8 0.52 -1.60 -0.45
CA GLN A 8 -0.37 -0.67 0.28
C GLN A 8 0.04 0.75 -0.06
N ASN A 9 1.31 0.99 -0.17
CA ASN A 9 1.79 2.34 -0.54
C ASN A 9 1.24 2.69 -1.93
N ARG A 10 0.67 1.73 -2.60
CA ARG A 10 0.12 1.98 -3.96
C ARG A 10 -1.29 1.40 -4.08
N ARG A 11 -1.88 0.94 -2.99
CA ARG A 11 -3.25 0.38 -3.08
C ARG A 11 -4.17 1.18 -2.17
N MET A 12 -3.66 1.60 -1.05
CA MET A 12 -4.49 2.42 -0.12
C MET A 12 -4.08 3.87 -0.29
N LYS A 13 -2.82 4.10 -0.56
CA LYS A 13 -2.36 5.49 -0.82
C LYS A 13 -2.90 5.88 -2.20
N PHE A 14 -3.34 4.88 -2.92
CA PHE A 14 -3.91 5.09 -4.28
C PHE A 14 -5.31 5.68 -4.14
N LYS A 15 -5.87 5.59 -2.97
CA LYS A 15 -7.23 6.15 -2.74
C LYS A 15 -7.29 6.83 -1.37
N LYS A 16 -6.17 6.92 -0.71
CA LYS A 16 -6.13 7.54 0.63
C LYS A 16 -6.74 8.94 0.59
N ARG A 1 3.23 -7.50 6.70
CA ARG A 1 4.13 -6.63 7.49
C ARG A 1 4.96 -5.72 6.58
N GLN A 2 5.14 -6.11 5.35
CA GLN A 2 5.93 -5.28 4.41
C GLN A 2 5.43 -5.43 2.98
N ILE A 3 5.50 -6.62 2.44
CA ILE A 3 5.04 -6.83 1.04
C ILE A 3 3.81 -5.97 0.76
N LYS A 4 2.85 -6.00 1.64
CA LYS A 4 1.65 -5.15 1.45
C LYS A 4 2.06 -3.71 1.63
N ILE A 5 2.88 -3.46 2.61
CA ILE A 5 3.36 -2.08 2.85
C ILE A 5 3.92 -1.56 1.54
N PHE A 6 4.39 -2.45 0.73
CA PHE A 6 4.91 -2.05 -0.60
C PHE A 6 3.72 -1.80 -1.52
N PHE A 7 2.70 -2.62 -1.40
CA PHE A 7 1.48 -2.44 -2.22
C PHE A 7 0.55 -1.44 -1.53
N GLN A 8 0.40 -1.56 -0.24
CA GLN A 8 -0.44 -0.60 0.51
C GLN A 8 0.01 0.81 0.17
N ASN A 9 1.27 0.99 -0.03
CA ASN A 9 1.79 2.33 -0.39
C ASN A 9 1.28 2.70 -1.78
N ARG A 10 0.69 1.77 -2.47
CA ARG A 10 0.19 2.04 -3.84
C ARG A 10 -1.22 1.45 -4.02
N ARG A 11 -1.83 0.96 -2.98
CA ARG A 11 -3.19 0.37 -3.12
C ARG A 11 -4.16 1.15 -2.26
N MET A 12 -3.71 1.60 -1.13
CA MET A 12 -4.58 2.40 -0.24
C MET A 12 -4.17 3.86 -0.37
N LYS A 13 -2.89 4.10 -0.57
CA LYS A 13 -2.42 5.48 -0.78
C LYS A 13 -2.87 5.89 -2.18
N PHE A 14 -3.26 4.89 -2.95
CA PHE A 14 -3.73 5.12 -4.33
C PHE A 14 -5.15 5.69 -4.28
N LYS A 15 -5.78 5.62 -3.13
CA LYS A 15 -7.16 6.16 -2.99
C LYS A 15 -7.31 6.85 -1.64
N LYS A 16 -6.24 6.92 -0.90
CA LYS A 16 -6.29 7.55 0.45
C LYS A 16 -6.92 8.94 0.38
N ARG A 1 2.45 -7.50 8.41
CA ARG A 1 3.66 -7.77 7.56
C ARG A 1 4.12 -6.48 6.87
N GLN A 2 4.83 -6.59 5.78
CA GLN A 2 5.31 -5.37 5.08
C GLN A 2 5.19 -5.52 3.58
N ILE A 3 5.44 -6.68 3.03
CA ILE A 3 5.34 -6.85 1.56
C ILE A 3 4.18 -6.02 1.00
N LYS A 4 3.08 -6.03 1.69
CA LYS A 4 1.92 -5.23 1.23
C LYS A 4 2.22 -3.76 1.42
N ILE A 5 2.98 -3.41 2.41
CA ILE A 5 3.34 -1.99 2.62
C ILE A 5 3.90 -1.45 1.32
N PHE A 6 4.55 -2.32 0.59
CA PHE A 6 5.10 -1.89 -0.73
C PHE A 6 3.95 -1.75 -1.71
N PHE A 7 2.96 -2.60 -1.58
CA PHE A 7 1.76 -2.52 -2.47
C PHE A 7 0.75 -1.56 -1.84
N GLN A 8 0.50 -1.70 -0.58
CA GLN A 8 -0.44 -0.78 0.12
C GLN A 8 -0.04 0.65 -0.18
N ASN A 9 1.23 0.90 -0.27
CA ASN A 9 1.72 2.26 -0.61
C ASN A 9 1.18 2.65 -1.98
N ARG A 10 0.58 1.71 -2.68
CA ARG A 10 0.04 1.99 -4.02
C ARG A 10 -1.39 1.47 -4.14
N ARG A 11 -1.98 1.00 -3.06
CA ARG A 11 -3.36 0.47 -3.14
C ARG A 11 -4.26 1.28 -2.21
N MET A 12 -3.74 1.66 -1.09
CA MET A 12 -4.54 2.48 -0.14
C MET A 12 -4.11 3.93 -0.29
N LYS A 13 -2.85 4.14 -0.55
CA LYS A 13 -2.37 5.52 -0.79
C LYS A 13 -2.89 5.94 -2.16
N PHE A 14 -3.37 4.97 -2.91
CA PHE A 14 -3.94 5.21 -4.25
C PHE A 14 -5.32 5.84 -4.10
N LYS A 15 -5.88 5.74 -2.91
CA LYS A 15 -7.22 6.32 -2.66
C LYS A 15 -7.26 6.97 -1.29
N LYS A 16 -6.13 7.05 -0.65
CA LYS A 16 -6.06 7.65 0.71
C LYS A 16 -6.61 9.08 0.70
N ARG A 1 2.46 -7.49 8.43
CA ARG A 1 3.56 -7.77 7.46
C ARG A 1 4.05 -6.46 6.84
N GLN A 2 4.78 -6.55 5.75
CA GLN A 2 5.30 -5.33 5.10
C GLN A 2 5.22 -5.44 3.58
N ILE A 3 5.52 -6.59 3.03
CA ILE A 3 5.46 -6.74 1.55
C ILE A 3 4.27 -5.96 1.00
N LYS A 4 3.15 -6.03 1.68
CA LYS A 4 1.97 -5.27 1.23
C LYS A 4 2.23 -3.79 1.39
N ILE A 5 2.97 -3.42 2.40
CA ILE A 5 3.29 -1.99 2.60
C ILE A 5 3.85 -1.44 1.30
N PHE A 6 4.51 -2.31 0.57
CA PHE A 6 5.06 -1.90 -0.74
C PHE A 6 3.90 -1.76 -1.72
N PHE A 7 2.92 -2.62 -1.60
CA PHE A 7 1.72 -2.54 -2.48
C PHE A 7 0.71 -1.59 -1.85
N GLN A 8 0.46 -1.75 -0.58
CA GLN A 8 -0.49 -0.84 0.12
C GLN A 8 -0.09 0.60 -0.15
N ASN A 9 1.20 0.83 -0.25
CA ASN A 9 1.68 2.20 -0.57
C ASN A 9 1.15 2.61 -1.95
N ARG A 10 0.55 1.68 -2.64
CA ARG A 10 0.02 1.97 -4.00
C ARG A 10 -1.42 1.47 -4.14
N ARG A 11 -2.01 0.99 -3.07
CA ARG A 11 -3.39 0.47 -3.15
C ARG A 11 -4.29 1.28 -2.24
N MET A 12 -3.79 1.66 -1.11
CA MET A 12 -4.60 2.49 -0.18
C MET A 12 -4.13 3.92 -0.30
N LYS A 13 -2.86 4.11 -0.54
CA LYS A 13 -2.35 5.48 -0.76
C LYS A 13 -2.86 5.93 -2.12
N PHE A 14 -3.31 4.97 -2.89
CA PHE A 14 -3.86 5.24 -4.23
C PHE A 14 -5.23 5.89 -4.09
N LYS A 15 -5.81 5.78 -2.92
CA LYS A 15 -7.14 6.39 -2.69
C LYS A 15 -7.20 7.00 -1.29
N LYS A 16 -6.07 7.06 -0.62
CA LYS A 16 -6.03 7.61 0.74
C LYS A 16 -6.57 9.05 0.77
N ARG A 1 1.03 -7.70 6.36
CA ARG A 1 2.35 -7.48 7.03
C ARG A 1 3.08 -6.29 6.39
N GLN A 2 4.25 -6.49 5.82
CA GLN A 2 4.98 -5.35 5.21
C GLN A 2 4.98 -5.47 3.69
N ILE A 3 5.31 -6.61 3.17
CA ILE A 3 5.31 -6.79 1.68
C ILE A 3 4.17 -5.96 1.07
N LYS A 4 3.03 -5.97 1.71
CA LYS A 4 1.89 -5.18 1.21
C LYS A 4 2.20 -3.70 1.35
N ILE A 5 2.91 -3.35 2.38
CA ILE A 5 3.29 -1.93 2.56
C ILE A 5 3.92 -1.45 1.28
N PHE A 6 4.57 -2.34 0.60
CA PHE A 6 5.20 -1.99 -0.70
C PHE A 6 4.08 -1.80 -1.72
N PHE A 7 3.07 -2.62 -1.63
CA PHE A 7 1.90 -2.49 -2.55
C PHE A 7 0.91 -1.49 -1.96
N GLN A 8 0.52 -1.69 -0.72
CA GLN A 8 -0.42 -0.74 -0.06
C GLN A 8 0.02 0.68 -0.36
N ASN A 9 1.31 0.89 -0.48
CA ASN A 9 1.83 2.24 -0.83
C ASN A 9 1.25 2.67 -2.19
N ARG A 10 0.61 1.75 -2.86
CA ARG A 10 0.03 2.05 -4.19
C ARG A 10 -1.44 1.59 -4.24
N ARG A 11 -1.94 1.05 -3.15
CA ARG A 11 -3.35 0.57 -3.12
C ARG A 11 -4.12 1.42 -2.15
N MET A 12 -3.61 1.56 -0.97
CA MET A 12 -4.31 2.40 0.03
C MET A 12 -3.93 3.86 -0.19
N LYS A 13 -2.70 4.11 -0.55
CA LYS A 13 -2.28 5.50 -0.84
C LYS A 13 -2.91 5.91 -2.17
N PHE A 14 -3.41 4.93 -2.89
CA PHE A 14 -4.07 5.17 -4.18
C PHE A 14 -5.46 5.73 -3.93
N LYS A 15 -5.95 5.57 -2.73
CA LYS A 15 -7.29 6.10 -2.38
C LYS A 15 -7.27 6.70 -0.98
N LYS A 16 -6.12 6.82 -0.40
CA LYS A 16 -5.98 7.37 0.96
C LYS A 16 -6.62 8.76 1.04
N ARG A 1 2.61 -5.32 8.74
CA ARG A 1 3.28 -6.15 7.69
C ARG A 1 4.21 -5.28 6.84
N GLN A 2 4.61 -5.78 5.70
CA GLN A 2 5.51 -5.00 4.83
C GLN A 2 5.23 -5.29 3.36
N ILE A 3 5.38 -6.52 2.94
CA ILE A 3 5.13 -6.86 1.51
C ILE A 3 3.94 -6.08 0.98
N LYS A 4 2.87 -6.05 1.73
CA LYS A 4 1.70 -5.27 1.29
C LYS A 4 2.02 -3.80 1.42
N ILE A 5 2.72 -3.46 2.46
CA ILE A 5 3.12 -2.04 2.67
C ILE A 5 3.85 -1.57 1.43
N PHE A 6 4.48 -2.48 0.76
CA PHE A 6 5.19 -2.11 -0.51
C PHE A 6 4.13 -1.90 -1.59
N PHE A 7 3.06 -2.64 -1.50
CA PHE A 7 1.95 -2.51 -2.48
C PHE A 7 0.92 -1.52 -1.93
N GLN A 8 0.47 -1.75 -0.71
CA GLN A 8 -0.51 -0.81 -0.08
C GLN A 8 -0.04 0.62 -0.33
N ASN A 9 1.25 0.82 -0.38
CA ASN A 9 1.80 2.18 -0.68
C ASN A 9 1.27 2.63 -2.05
N ARG A 10 0.66 1.74 -2.77
CA ARG A 10 0.12 2.08 -4.12
C ARG A 10 -1.34 1.64 -4.23
N ARG A 11 -1.89 1.09 -3.18
CA ARG A 11 -3.29 0.62 -3.22
C ARG A 11 -4.10 1.46 -2.25
N MET A 12 -3.63 1.56 -1.05
CA MET A 12 -4.37 2.37 -0.05
C MET A 12 -3.98 3.84 -0.21
N LYS A 13 -2.73 4.08 -0.54
CA LYS A 13 -2.29 5.48 -0.77
C LYS A 13 -2.88 5.93 -2.11
N PHE A 14 -3.36 4.97 -2.86
CA PHE A 14 -3.98 5.25 -4.17
C PHE A 14 -5.38 5.78 -3.96
N LYS A 15 -5.91 5.60 -2.78
CA LYS A 15 -7.28 6.11 -2.48
C LYS A 15 -7.32 6.68 -1.07
N LYS A 16 -6.18 6.81 -0.46
CA LYS A 16 -6.11 7.34 0.92
C LYS A 16 -6.85 8.68 1.03
N ARG A 1 2.97 -8.78 6.17
CA ARG A 1 3.15 -7.76 7.26
C ARG A 1 3.77 -6.48 6.70
N GLN A 2 4.58 -6.60 5.68
CA GLN A 2 5.22 -5.39 5.10
C GLN A 2 5.25 -5.48 3.58
N ILE A 3 5.44 -6.64 3.02
CA ILE A 3 5.46 -6.73 1.55
C ILE A 3 4.27 -5.95 0.99
N LYS A 4 3.16 -6.00 1.70
CA LYS A 4 1.97 -5.23 1.28
C LYS A 4 2.26 -3.75 1.41
N ILE A 5 2.99 -3.38 2.41
CA ILE A 5 3.33 -1.95 2.61
C ILE A 5 3.90 -1.43 1.30
N PHE A 6 4.54 -2.30 0.59
CA PHE A 6 5.10 -1.91 -0.74
C PHE A 6 3.95 -1.77 -1.73
N PHE A 7 2.96 -2.61 -1.60
CA PHE A 7 1.77 -2.53 -2.50
C PHE A 7 0.75 -1.58 -1.87
N GLN A 8 0.49 -1.74 -0.59
CA GLN A 8 -0.46 -0.84 0.10
C GLN A 8 -0.07 0.60 -0.19
N ASN A 9 1.22 0.85 -0.28
CA ASN A 9 1.69 2.22 -0.61
C ASN A 9 1.13 2.63 -1.96
N ARG A 10 0.53 1.69 -2.66
CA ARG A 10 -0.03 1.99 -4.00
C ARG A 10 -1.47 1.47 -4.11
N ARG A 11 -2.03 0.97 -3.04
CA ARG A 11 -3.41 0.46 -3.11
C ARG A 11 -4.30 1.27 -2.19
N MET A 12 -3.77 1.65 -1.07
CA MET A 12 -4.56 2.49 -0.12
C MET A 12 -4.10 3.93 -0.26
N LYS A 13 -2.84 4.12 -0.54
CA LYS A 13 -2.35 5.50 -0.77
C LYS A 13 -2.86 5.93 -2.14
N PHE A 14 -3.32 4.96 -2.90
CA PHE A 14 -3.87 5.22 -4.24
C PHE A 14 -5.25 5.86 -4.10
N LYS A 15 -5.81 5.75 -2.93
CA LYS A 15 -7.16 6.36 -2.69
C LYS A 15 -7.21 6.99 -1.29
N LYS A 16 -6.08 7.06 -0.64
CA LYS A 16 -6.03 7.63 0.71
C LYS A 16 -6.59 9.07 0.72
N ARG A 1 3.24 -8.85 6.29
CA ARG A 1 3.26 -7.76 7.31
C ARG A 1 3.87 -6.48 6.73
N GLN A 2 4.64 -6.59 5.68
CA GLN A 2 5.27 -5.40 5.08
C GLN A 2 5.27 -5.49 3.55
N ILE A 3 5.44 -6.65 3.00
CA ILE A 3 5.44 -6.75 1.52
C ILE A 3 4.24 -5.97 0.98
N LYS A 4 3.15 -6.00 1.70
CA LYS A 4 1.96 -5.22 1.29
C LYS A 4 2.25 -3.75 1.42
N ILE A 5 3.00 -3.38 2.41
CA ILE A 5 3.35 -1.95 2.60
C ILE A 5 3.90 -1.42 1.29
N PHE A 6 4.53 -2.30 0.56
CA PHE A 6 5.08 -1.89 -0.77
C PHE A 6 3.92 -1.75 -1.74
N PHE A 7 2.93 -2.60 -1.60
CA PHE A 7 1.73 -2.53 -2.48
C PHE A 7 0.72 -1.58 -1.85
N GLN A 8 0.47 -1.73 -0.57
CA GLN A 8 -0.47 -0.83 0.14
C GLN A 8 -0.07 0.61 -0.16
N ASN A 9 1.20 0.86 -0.24
CA ASN A 9 1.68 2.24 -0.57
C ASN A 9 1.12 2.64 -1.94
N ARG A 10 0.53 1.70 -2.64
CA ARG A 10 -0.03 2.00 -3.98
C ARG A 10 -1.47 1.48 -4.09
N ARG A 11 -2.03 0.98 -3.03
CA ARG A 11 -3.41 0.45 -3.10
C ARG A 11 -4.31 1.26 -2.17
N MET A 12 -3.78 1.65 -1.06
CA MET A 12 -4.57 2.47 -0.11
C MET A 12 -4.12 3.92 -0.25
N LYS A 13 -2.86 4.12 -0.53
CA LYS A 13 -2.36 5.49 -0.75
C LYS A 13 -2.85 5.92 -2.13
N PHE A 14 -3.29 4.96 -2.90
CA PHE A 14 -3.83 5.21 -4.25
C PHE A 14 -5.20 5.86 -4.13
N LYS A 15 -5.80 5.75 -2.97
CA LYS A 15 -7.13 6.36 -2.76
C LYS A 15 -7.21 6.94 -1.35
N LYS A 16 -6.10 7.01 -0.68
CA LYS A 16 -6.07 7.55 0.69
C LYS A 16 -6.67 8.96 0.73
N ARG A 1 1.90 -7.32 8.47
CA ARG A 1 2.92 -7.68 7.45
C ARG A 1 3.56 -6.41 6.86
N GLN A 2 4.34 -6.56 5.83
CA GLN A 2 5.00 -5.36 5.23
C GLN A 2 5.07 -5.49 3.71
N ILE A 3 5.26 -6.67 3.18
CA ILE A 3 5.34 -6.80 1.71
C ILE A 3 4.20 -6.01 1.08
N LYS A 4 3.05 -6.01 1.71
CA LYS A 4 1.91 -5.23 1.20
C LYS A 4 2.22 -3.75 1.34
N ILE A 5 2.92 -3.38 2.38
CA ILE A 5 3.26 -1.96 2.57
C ILE A 5 3.91 -1.45 1.30
N PHE A 6 4.57 -2.34 0.62
CA PHE A 6 5.21 -1.97 -0.67
C PHE A 6 4.09 -1.77 -1.70
N PHE A 7 3.08 -2.60 -1.62
CA PHE A 7 1.92 -2.48 -2.55
C PHE A 7 0.92 -1.49 -1.95
N GLN A 8 0.52 -1.69 -0.72
CA GLN A 8 -0.43 -0.75 -0.06
C GLN A 8 0.00 0.69 -0.37
N ASN A 9 1.29 0.90 -0.48
CA ASN A 9 1.80 2.26 -0.83
C ASN A 9 1.22 2.67 -2.18
N ARG A 10 0.60 1.75 -2.86
CA ARG A 10 0.01 2.05 -4.20
C ARG A 10 -1.46 1.60 -4.25
N ARG A 11 -1.96 1.07 -3.15
CA ARG A 11 -3.36 0.58 -3.11
C ARG A 11 -4.13 1.44 -2.14
N MET A 12 -3.61 1.59 -0.97
CA MET A 12 -4.31 2.44 0.05
C MET A 12 -3.93 3.90 -0.19
N LYS A 13 -2.70 4.13 -0.57
CA LYS A 13 -2.28 5.53 -0.88
C LYS A 13 -2.92 5.92 -2.20
N PHE A 14 -3.41 4.94 -2.90
CA PHE A 14 -4.08 5.17 -4.20
C PHE A 14 -5.48 5.72 -3.94
N LYS A 15 -5.96 5.59 -2.73
CA LYS A 15 -7.31 6.11 -2.40
C LYS A 15 -7.28 6.74 -1.01
N LYS A 16 -6.12 6.87 -0.45
CA LYS A 16 -5.97 7.47 0.89
C LYS A 16 -6.65 8.84 0.96
N ARG A 1 2.93 -7.36 6.63
CA ARG A 1 3.68 -6.43 7.51
C ARG A 1 4.56 -5.48 6.68
N GLN A 2 4.92 -5.89 5.49
CA GLN A 2 5.76 -5.02 4.64
C GLN A 2 5.47 -5.25 3.16
N ILE A 3 5.58 -6.47 2.71
CA ILE A 3 5.31 -6.75 1.28
C ILE A 3 4.04 -6.02 0.86
N LYS A 4 3.03 -6.04 1.69
CA LYS A 4 1.79 -5.30 1.37
C LYS A 4 2.08 -3.82 1.50
N ILE A 5 2.81 -3.47 2.51
CA ILE A 5 3.17 -2.04 2.71
C ILE A 5 3.81 -1.52 1.44
N PHE A 6 4.41 -2.42 0.71
CA PHE A 6 5.01 -2.02 -0.59
C PHE A 6 3.89 -1.86 -1.60
N PHE A 7 2.87 -2.67 -1.48
CA PHE A 7 1.69 -2.57 -2.39
C PHE A 7 0.67 -1.63 -1.78
N GLN A 8 0.40 -1.79 -0.51
CA GLN A 8 -0.56 -0.89 0.18
C GLN A 8 -0.14 0.55 -0.06
N ASN A 9 1.14 0.78 -0.10
CA ASN A 9 1.65 2.15 -0.39
C ASN A 9 1.15 2.60 -1.76
N ARG A 10 0.58 1.68 -2.50
CA ARG A 10 0.09 2.01 -3.86
C ARG A 10 -1.35 1.50 -4.06
N ARG A 11 -1.96 0.98 -3.03
CA ARG A 11 -3.34 0.46 -3.19
C ARG A 11 -4.27 1.25 -2.29
N MET A 12 -3.80 1.63 -1.15
CA MET A 12 -4.64 2.44 -0.22
C MET A 12 -4.16 3.88 -0.31
N LYS A 13 -2.89 4.07 -0.51
CA LYS A 13 -2.37 5.44 -0.69
C LYS A 13 -2.80 5.90 -2.08
N PHE A 14 -3.22 4.96 -2.87
CA PHE A 14 -3.69 5.24 -4.24
C PHE A 14 -5.07 5.89 -4.16
N LYS A 15 -5.72 5.76 -3.03
CA LYS A 15 -7.06 6.37 -2.86
C LYS A 15 -7.19 6.97 -1.46
N LYS A 16 -6.10 7.01 -0.74
CA LYS A 16 -6.13 7.56 0.63
C LYS A 16 -6.69 8.99 0.64
N ARG A 1 2.98 -5.25 8.80
CA ARG A 1 3.64 -6.10 7.75
C ARG A 1 4.49 -5.22 6.82
N GLN A 2 4.82 -5.72 5.66
CA GLN A 2 5.65 -4.93 4.73
C GLN A 2 5.30 -5.25 3.27
N ILE A 3 5.45 -6.48 2.87
CA ILE A 3 5.14 -6.86 1.46
C ILE A 3 3.93 -6.08 0.96
N LYS A 4 2.88 -6.05 1.73
CA LYS A 4 1.69 -5.27 1.32
C LYS A 4 2.02 -3.80 1.44
N ILE A 5 2.74 -3.45 2.46
CA ILE A 5 3.14 -2.04 2.65
C ILE A 5 3.83 -1.57 1.38
N PHE A 6 4.44 -2.50 0.70
CA PHE A 6 5.11 -2.13 -0.58
C PHE A 6 4.03 -1.90 -1.63
N PHE A 7 2.96 -2.64 -1.53
CA PHE A 7 1.81 -2.47 -2.46
C PHE A 7 0.82 -1.49 -1.84
N GLN A 8 0.38 -1.74 -0.64
CA GLN A 8 -0.55 -0.81 0.04
C GLN A 8 -0.09 0.62 -0.20
N ASN A 9 1.21 0.82 -0.25
CA ASN A 9 1.76 2.17 -0.54
C ASN A 9 1.28 2.62 -1.92
N ARG A 10 0.66 1.73 -2.65
CA ARG A 10 0.18 2.06 -4.02
C ARG A 10 -1.28 1.59 -4.18
N ARG A 11 -1.87 1.05 -3.14
CA ARG A 11 -3.27 0.58 -3.24
C ARG A 11 -4.13 1.42 -2.33
N MET A 12 -3.71 1.52 -1.11
CA MET A 12 -4.49 2.35 -0.13
C MET A 12 -4.05 3.80 -0.27
N LYS A 13 -2.79 4.02 -0.50
CA LYS A 13 -2.32 5.42 -0.70
C LYS A 13 -2.85 5.89 -2.06
N PHE A 14 -3.29 4.95 -2.84
CA PHE A 14 -3.86 5.25 -4.18
C PHE A 14 -5.25 5.81 -4.02
N LYS A 15 -5.83 5.64 -2.86
CA LYS A 15 -7.20 6.19 -2.61
C LYS A 15 -7.27 6.75 -1.20
N LYS A 16 -6.15 6.86 -0.54
CA LYS A 16 -6.12 7.39 0.84
C LYS A 16 -6.72 8.80 0.88
N ARG A 1 2.64 -8.64 6.29
CA ARG A 1 2.96 -7.64 7.35
C ARG A 1 3.63 -6.40 6.76
N GLN A 2 4.43 -6.57 5.75
CA GLN A 2 5.11 -5.41 5.12
C GLN A 2 5.07 -5.51 3.61
N ILE A 3 5.34 -6.67 3.06
CA ILE A 3 5.30 -6.81 1.58
C ILE A 3 4.15 -5.97 1.01
N LYS A 4 3.04 -5.99 1.68
CA LYS A 4 1.88 -5.18 1.23
C LYS A 4 2.21 -3.71 1.37
N ILE A 5 2.94 -3.36 2.39
CA ILE A 5 3.33 -1.94 2.58
C ILE A 5 3.94 -1.45 1.29
N PHE A 6 4.57 -2.35 0.58
CA PHE A 6 5.16 -1.98 -0.73
C PHE A 6 4.02 -1.76 -1.72
N PHE A 7 3.01 -2.58 -1.63
CA PHE A 7 1.82 -2.43 -2.52
C PHE A 7 0.85 -1.46 -1.89
N GLN A 8 0.49 -1.67 -0.65
CA GLN A 8 -0.43 -0.72 0.05
C GLN A 8 0.00 0.70 -0.27
N ASN A 9 1.29 0.92 -0.37
CA ASN A 9 1.79 2.27 -0.73
C ASN A 9 1.22 2.68 -2.09
N ARG A 10 0.60 1.74 -2.77
CA ARG A 10 0.01 2.02 -4.11
C ARG A 10 -1.45 1.55 -4.14
N ARG A 11 -1.96 1.02 -3.05
CA ARG A 11 -3.37 0.54 -3.02
C ARG A 11 -4.15 1.40 -2.05
N MET A 12 -3.60 1.59 -0.90
CA MET A 12 -4.31 2.44 0.11
C MET A 12 -3.91 3.89 -0.10
N LYS A 13 -2.71 4.12 -0.53
CA LYS A 13 -2.30 5.52 -0.81
C LYS A 13 -2.84 5.89 -2.18
N PHE A 14 -3.40 4.93 -2.86
CA PHE A 14 -3.97 5.16 -4.20
C PHE A 14 -5.37 5.74 -4.07
N LYS A 15 -5.96 5.60 -2.92
CA LYS A 15 -7.33 6.13 -2.71
C LYS A 15 -7.42 6.75 -1.31
N LYS A 16 -6.30 6.89 -0.67
CA LYS A 16 -6.27 7.46 0.69
C LYS A 16 -7.06 8.78 0.76
#